data_1U33
#
_entry.id   1U33
#
_cell.length_a   52.2
_cell.length_b   67.4
_cell.length_c   130.2
_cell.angle_alpha   90.0
_cell.angle_beta   90.0
_cell.angle_gamma   90.0
#
_symmetry.space_group_name_H-M   'P 21 21 21'
#
loop_
_entity.id
_entity.type
_entity.pdbx_description
1 polymer 'Alpha-amylase, pancreatic'
2 non-polymer 2-acetamido-2-deoxy-beta-D-glucopyranose
3 non-polymer "4'-O-METHYL-MALTOSYL-ALPHA (1,4)-(Z, 3S,4S,5R,6R)-3,4,5-TRIHYDROXY-6-HYDROXYMETHYL-PIPERIDIN-2-ONE"
4 non-polymer 'CALCIUM ION'
5 non-polymer 'CHLORIDE ION'
6 water water
#
_entity_poly.entity_id   1
_entity_poly.type   'polypeptide(L)'
_entity_poly.pdbx_seq_one_letter_code
;(PCA)YSPNTQQGRTSIVHLFEWRWVDIALECERYLAPKGFGGVQVSPPNENVAIYNPFRPWWERYQPVSYKLCTRSGNE
DEFRNMVTRCNNVGVRIYVDAVINHMCGNAVSAGTSSTCGSYFNPGSRDFPAVPYSGWDFNDGKCKTGSGDIENYNDATQ
VRDCRLTGLLDLALEKDYVRSKIAEYMNHLIDIGVAGFRLDASKHMWPGDIKAILDKLHNLNSNWFPAGSKPFIYQEVID
LGGEPIKSSDYFGNGRVTEFKYGAKLGTVIRKWNGEKMSYLKNWGEGWGFVPSDRALVFVDNHDNQRGHGAGGASILTFW
DARLYKMAVGFMLAHPYGFTRVMSSYRWPRQFQNGNDVNDWVGPPNNNGVIKEVTINPDTTCGNDWVCEHRWRQIRNMVI
FRNVVDGQPFTNWYDNGSNQVAFGRGNRGFIVFNNDDWSFSLTLQTGLPAGTYCDVISGDKINGNCTGIKIYVSDDGKAH
FSISNSAEDPFIAIHAESKL
;
_entity_poly.pdbx_strand_id   A
#
# COMPACT_ATOMS: atom_id res chain seq x y z
N TYR A 2 -15.29 5.18 2.24
CA TYR A 2 -14.13 6.07 2.55
C TYR A 2 -13.51 5.65 3.87
N SER A 3 -14.26 4.85 4.63
CA SER A 3 -13.81 4.36 5.92
C SER A 3 -13.12 3.00 5.83
N PRO A 4 -11.89 2.89 6.40
CA PRO A 4 -11.10 1.66 6.40
C PRO A 4 -11.69 0.47 7.12
N ASN A 5 -12.61 0.74 8.04
CA ASN A 5 -13.25 -0.31 8.83
C ASN A 5 -12.25 -0.98 9.75
N THR A 6 -11.19 -0.23 10.09
CA THR A 6 -10.17 -0.75 11.00
C THR A 6 -10.74 -0.62 12.40
N GLN A 7 -10.16 -1.36 13.34
CA GLN A 7 -10.59 -1.33 14.72
C GLN A 7 -10.17 0.00 15.31
N GLN A 8 -11.16 0.82 15.67
CA GLN A 8 -10.98 2.15 16.27
C GLN A 8 -9.61 2.36 16.92
N GLY A 9 -8.85 3.31 16.39
CA GLY A 9 -7.52 3.58 16.91
C GLY A 9 -6.41 3.15 15.98
N ARG A 10 -6.62 2.07 15.22
CA ARG A 10 -5.63 1.57 14.28
C ARG A 10 -5.76 2.36 12.98
N THR A 11 -4.67 3.00 12.58
CA THR A 11 -4.68 3.89 11.42
C THR A 11 -3.87 3.53 10.18
N SER A 12 -3.37 2.32 10.08
CA SER A 12 -2.58 1.93 8.90
C SER A 12 -2.80 0.51 8.47
N ILE A 13 -2.54 0.26 7.20
CA ILE A 13 -2.62 -1.08 6.63
C ILE A 13 -1.22 -1.36 6.10
N VAL A 14 -0.82 -2.62 6.09
CA VAL A 14 0.48 -3.00 5.59
C VAL A 14 0.28 -3.92 4.38
N HIS A 15 1.07 -3.72 3.34
CA HIS A 15 0.99 -4.57 2.16
C HIS A 15 1.96 -5.72 2.34
N LEU A 16 1.43 -6.89 2.71
CA LEU A 16 2.26 -8.08 2.86
C LEU A 16 2.34 -8.71 1.48
N PHE A 17 3.08 -8.02 0.61
CA PHE A 17 3.29 -8.38 -0.78
C PHE A 17 3.80 -9.80 -0.99
N GLU A 18 2.98 -10.61 -1.66
CA GLU A 18 3.32 -12.00 -1.97
C GLU A 18 3.39 -12.95 -0.79
N TRP A 19 2.94 -12.52 0.38
CA TRP A 19 2.96 -13.38 1.56
C TRP A 19 1.90 -14.47 1.42
N ARG A 20 2.20 -15.65 1.97
CA ARG A 20 1.27 -16.76 1.96
C ARG A 20 0.24 -16.54 3.04
N TRP A 21 -0.95 -17.11 2.89
CA TRP A 21 -2.02 -16.96 3.88
C TRP A 21 -1.68 -17.37 5.27
N VAL A 22 -1.08 -18.54 5.39
CA VAL A 22 -0.68 -19.06 6.71
C VAL A 22 0.28 -18.10 7.44
N ASP A 23 1.17 -17.45 6.67
CA ASP A 23 2.13 -16.54 7.25
C ASP A 23 1.48 -15.25 7.72
N ILE A 24 0.51 -14.76 6.96
CA ILE A 24 -0.21 -13.53 7.33
C ILE A 24 -1.00 -13.78 8.61
N ALA A 25 -1.69 -14.91 8.66
CA ALA A 25 -2.49 -15.28 9.84
C ALA A 25 -1.64 -15.25 11.10
N LEU A 26 -0.47 -15.90 11.02
CA LEU A 26 0.47 -15.93 12.14
C LEU A 26 0.96 -14.52 12.47
N GLU A 27 1.25 -13.75 11.43
CA GLU A 27 1.69 -12.38 11.57
C GLU A 27 0.65 -11.52 12.28
N CYS A 28 -0.63 -11.77 11.99
CA CYS A 28 -1.72 -11.04 12.64
C CYS A 28 -1.73 -11.23 14.14
N GLU A 29 -1.58 -12.49 14.54
CA GLU A 29 -1.61 -12.87 15.94
C GLU A 29 -0.35 -12.53 16.74
N ARG A 30 0.81 -12.75 16.14
CA ARG A 30 2.09 -12.51 16.81
C ARG A 30 2.66 -11.09 16.70
N TYR A 31 2.25 -10.34 15.69
CA TYR A 31 2.82 -9.00 15.51
C TYR A 31 1.84 -7.88 15.24
N LEU A 32 1.10 -7.98 14.14
CA LEU A 32 0.14 -6.96 13.73
C LEU A 32 -0.86 -6.52 14.78
N ALA A 33 -1.37 -7.49 15.54
CA ALA A 33 -2.32 -7.18 16.60
C ALA A 33 -1.66 -6.42 17.75
N PRO A 34 -0.58 -6.99 18.36
CA PRO A 34 0.11 -6.32 19.46
C PRO A 34 0.71 -4.96 19.09
N LYS A 35 1.27 -4.86 17.89
CA LYS A 35 1.91 -3.62 17.41
C LYS A 35 0.95 -2.58 16.88
N GLY A 36 -0.35 -2.85 16.99
CA GLY A 36 -1.34 -1.87 16.55
C GLY A 36 -1.56 -1.60 15.07
N PHE A 37 -1.32 -2.57 14.19
CA PHE A 37 -1.55 -2.36 12.76
C PHE A 37 -3.04 -2.49 12.48
N GLY A 38 -3.54 -1.63 11.61
CA GLY A 38 -4.95 -1.68 11.26
C GLY A 38 -5.39 -2.83 10.41
N GLY A 39 -4.57 -3.16 9.42
CA GLY A 39 -4.92 -4.25 8.54
C GLY A 39 -3.85 -4.64 7.56
N VAL A 40 -4.21 -5.57 6.67
CA VAL A 40 -3.29 -6.08 5.68
C VAL A 40 -3.86 -6.10 4.27
N GLN A 41 -3.09 -5.59 3.31
CA GLN A 41 -3.49 -5.67 1.92
C GLN A 41 -2.81 -6.95 1.45
N VAL A 42 -3.60 -7.89 0.94
CA VAL A 42 -3.04 -9.15 0.45
C VAL A 42 -2.91 -9.10 -1.06
N SER A 43 -2.04 -9.95 -1.60
CA SER A 43 -1.86 -10.06 -3.05
C SER A 43 -3.11 -10.76 -3.60
N PRO A 44 -3.43 -10.57 -4.90
CA PRO A 44 -4.61 -11.19 -5.52
C PRO A 44 -4.84 -12.64 -5.07
N PRO A 45 -5.97 -12.91 -4.40
CA PRO A 45 -6.30 -14.24 -3.91
C PRO A 45 -6.93 -15.19 -4.93
N ASN A 46 -7.21 -14.67 -6.12
CA ASN A 46 -7.82 -15.45 -7.20
C ASN A 46 -6.79 -16.12 -8.09
N GLU A 47 -7.18 -17.26 -8.67
CA GLU A 47 -6.32 -18.03 -9.57
C GLU A 47 -5.76 -17.19 -10.72
N ASN A 48 -4.46 -17.33 -10.96
CA ASN A 48 -3.78 -16.61 -12.01
C ASN A 48 -3.01 -17.53 -12.95
N VAL A 49 -2.45 -16.95 -14.01
CA VAL A 49 -1.64 -17.73 -14.96
C VAL A 49 -0.30 -18.08 -14.31
N ALA A 50 0.14 -19.32 -14.50
CA ALA A 50 1.44 -19.74 -14.00
C ALA A 50 2.39 -19.45 -15.15
N ILE A 51 3.23 -18.43 -14.97
CA ILE A 51 4.18 -18.01 -15.99
C ILE A 51 5.56 -18.58 -15.70
N TYR A 52 6.09 -19.35 -16.65
CA TYR A 52 7.41 -19.98 -16.51
C TYR A 52 8.52 -19.29 -17.27
N ASN A 53 8.14 -18.28 -18.06
CA ASN A 53 9.09 -17.51 -18.85
C ASN A 53 8.72 -16.01 -18.80
N PRO A 54 9.33 -15.23 -17.87
CA PRO A 54 10.37 -15.65 -16.90
C PRO A 54 9.77 -16.53 -15.79
N PHE A 55 10.62 -17.04 -14.90
CA PHE A 55 10.17 -17.95 -13.87
C PHE A 55 9.32 -17.37 -12.76
N ARG A 56 8.03 -17.71 -12.79
CA ARG A 56 7.07 -17.29 -11.74
C ARG A 56 7.25 -15.86 -11.27
N PRO A 57 7.15 -14.87 -12.18
CA PRO A 57 7.33 -13.49 -11.80
C PRO A 57 6.19 -13.02 -10.90
N TRP A 58 6.45 -12.02 -10.06
CA TRP A 58 5.41 -11.50 -9.19
C TRP A 58 4.15 -11.10 -9.98
N TRP A 59 4.38 -10.47 -11.15
CA TRP A 59 3.28 -10.00 -11.99
C TRP A 59 2.34 -11.02 -12.57
N GLU A 60 2.65 -12.30 -12.45
CA GLU A 60 1.75 -13.32 -12.99
C GLU A 60 0.40 -13.30 -12.27
N ARG A 61 0.40 -12.75 -11.05
CA ARG A 61 -0.80 -12.64 -10.23
C ARG A 61 -1.80 -11.57 -10.69
N TYR A 62 -1.38 -10.77 -11.65
CA TYR A 62 -2.22 -9.70 -12.20
C TYR A 62 -2.81 -10.13 -13.53
N GLN A 63 -2.77 -11.44 -13.75
CA GLN A 63 -3.30 -12.08 -14.94
C GLN A 63 -4.28 -13.18 -14.51
N PRO A 64 -5.53 -12.80 -14.19
CA PRO A 64 -6.58 -13.74 -13.75
C PRO A 64 -6.99 -14.82 -14.74
N VAL A 65 -7.28 -16.00 -14.20
CA VAL A 65 -7.73 -17.15 -14.97
C VAL A 65 -9.15 -17.48 -14.52
N SER A 66 -9.44 -17.26 -13.24
CA SER A 66 -10.75 -17.50 -12.64
C SER A 66 -10.83 -16.77 -11.32
N TYR A 67 -11.93 -16.97 -10.61
CA TYR A 67 -12.11 -16.34 -9.31
C TYR A 67 -11.99 -17.30 -8.15
N LYS A 68 -11.47 -18.49 -8.43
CA LYS A 68 -11.25 -19.50 -7.39
C LYS A 68 -10.17 -18.96 -6.46
N LEU A 69 -10.36 -19.12 -5.16
CA LEU A 69 -9.38 -18.65 -4.16
C LEU A 69 -8.31 -19.70 -4.07
N CYS A 70 -7.47 -19.75 -5.11
CA CYS A 70 -6.45 -20.76 -5.23
C CYS A 70 -5.21 -20.22 -5.91
N THR A 71 -4.22 -19.85 -5.09
CA THR A 71 -2.98 -19.25 -5.57
C THR A 71 -1.75 -19.80 -4.85
N ARG A 72 -0.57 -19.25 -5.16
CA ARG A 72 0.67 -19.64 -4.51
C ARG A 72 0.67 -19.24 -3.03
N SER A 73 -0.27 -18.37 -2.65
CA SER A 73 -0.39 -17.95 -1.28
C SER A 73 -1.21 -18.95 -0.44
N GLY A 74 -1.96 -19.78 -1.14
CA GLY A 74 -2.78 -20.79 -0.50
C GLY A 74 -4.12 -21.00 -1.18
N ASN A 75 -4.92 -21.92 -0.64
CA ASN A 75 -6.25 -22.23 -1.20
C ASN A 75 -7.33 -21.48 -0.40
N GLU A 76 -8.60 -21.79 -0.67
CA GLU A 76 -9.70 -21.13 0.04
C GLU A 76 -9.73 -21.40 1.53
N ASP A 77 -9.51 -22.66 1.92
CA ASP A 77 -9.50 -23.01 3.34
C ASP A 77 -8.44 -22.22 4.09
N GLU A 78 -7.28 -22.07 3.46
CA GLU A 78 -6.18 -21.32 4.05
C GLU A 78 -6.47 -19.82 4.06
N PHE A 79 -7.16 -19.35 3.03
CA PHE A 79 -7.55 -17.93 2.95
C PHE A 79 -8.53 -17.61 4.03
N ARG A 80 -9.58 -18.41 4.14
CA ARG A 80 -10.61 -18.20 5.16
C ARG A 80 -10.04 -18.32 6.57
N ASN A 81 -9.07 -19.22 6.74
CA ASN A 81 -8.42 -19.41 8.04
C ASN A 81 -7.68 -18.12 8.40
N MET A 82 -7.02 -17.52 7.42
CA MET A 82 -6.30 -16.27 7.61
C MET A 82 -7.23 -15.13 8.00
N VAL A 83 -8.28 -14.93 7.20
CA VAL A 83 -9.25 -13.86 7.44
C VAL A 83 -9.89 -13.99 8.83
N THR A 84 -10.25 -15.22 9.19
CA THR A 84 -10.85 -15.48 10.49
C THR A 84 -9.89 -15.16 11.65
N ARG A 85 -8.68 -15.70 11.57
CA ARG A 85 -7.68 -15.48 12.61
C ARG A 85 -7.29 -14.03 12.76
N CYS A 86 -7.17 -13.34 11.63
CA CYS A 86 -6.83 -11.93 11.63
C CYS A 86 -7.97 -11.10 12.20
N ASN A 87 -9.19 -11.37 11.77
CA ASN A 87 -10.37 -10.67 12.27
C ASN A 87 -10.59 -10.88 13.76
N ASN A 88 -10.35 -12.10 14.22
CA ASN A 88 -10.51 -12.42 15.64
C ASN A 88 -9.53 -11.64 16.53
N VAL A 89 -8.44 -11.18 15.92
CA VAL A 89 -7.44 -10.43 16.64
C VAL A 89 -7.53 -8.92 16.33
N GLY A 90 -8.63 -8.52 15.69
CA GLY A 90 -8.84 -7.12 15.35
C GLY A 90 -7.98 -6.54 14.23
N VAL A 91 -7.48 -7.40 13.35
CA VAL A 91 -6.66 -6.96 12.21
C VAL A 91 -7.43 -7.29 10.94
N ARG A 92 -7.68 -6.26 10.13
CA ARG A 92 -8.44 -6.44 8.90
C ARG A 92 -7.68 -6.91 7.69
N ILE A 93 -8.41 -7.45 6.72
CA ILE A 93 -7.85 -7.95 5.48
C ILE A 93 -8.48 -7.21 4.32
N TYR A 94 -7.64 -6.71 3.41
CA TYR A 94 -8.08 -5.99 2.23
C TYR A 94 -7.57 -6.71 1.00
N VAL A 95 -8.49 -7.05 0.11
CA VAL A 95 -8.16 -7.78 -1.09
C VAL A 95 -7.77 -6.93 -2.29
N ASP A 96 -6.68 -7.33 -2.95
CA ASP A 96 -6.21 -6.68 -4.16
C ASP A 96 -7.10 -7.31 -5.25
N ALA A 97 -8.16 -6.60 -5.62
CA ALA A 97 -9.11 -7.09 -6.63
C ALA A 97 -8.74 -6.75 -8.06
N VAL A 98 -8.37 -7.78 -8.84
CA VAL A 98 -7.99 -7.63 -10.24
C VAL A 98 -9.25 -7.95 -11.04
N ILE A 99 -10.01 -6.90 -11.34
CA ILE A 99 -11.30 -7.02 -12.02
C ILE A 99 -11.41 -6.34 -13.38
N ASN A 100 -10.39 -5.59 -13.76
CA ASN A 100 -10.42 -4.88 -15.05
C ASN A 100 -10.18 -5.81 -16.22
N HIS A 101 -9.43 -6.88 -15.96
CA HIS A 101 -9.03 -7.79 -17.01
C HIS A 101 -8.83 -9.23 -16.57
N MET A 102 -8.53 -10.07 -17.56
CA MET A 102 -8.18 -11.46 -17.35
C MET A 102 -6.69 -11.48 -17.70
N CYS A 103 -6.18 -12.52 -18.35
CA CYS A 103 -4.76 -12.57 -18.70
C CYS A 103 -4.35 -11.93 -20.02
N GLY A 104 -3.05 -11.92 -20.29
CA GLY A 104 -2.53 -11.39 -21.54
C GLY A 104 -3.06 -12.16 -22.72
N ASN A 105 -3.47 -11.46 -23.77
CA ASN A 105 -4.01 -12.10 -24.97
C ASN A 105 -3.01 -13.01 -25.69
N ALA A 106 -1.73 -12.82 -25.39
CA ALA A 106 -0.67 -13.60 -26.01
C ALA A 106 -0.34 -14.87 -25.25
N VAL A 107 -0.96 -15.07 -24.08
CA VAL A 107 -0.70 -16.27 -23.27
C VAL A 107 -1.25 -17.51 -23.95
N SER A 108 -0.45 -18.58 -23.97
CA SER A 108 -0.85 -19.85 -24.57
C SER A 108 -2.01 -20.49 -23.81
N ALA A 109 -2.92 -21.11 -24.55
CA ALA A 109 -4.07 -21.80 -23.97
C ALA A 109 -3.60 -23.03 -23.21
N GLY A 110 -4.42 -23.52 -22.29
CA GLY A 110 -4.05 -24.70 -21.54
C GLY A 110 -4.43 -24.64 -20.08
N THR A 111 -3.68 -25.35 -19.24
CA THR A 111 -3.96 -25.39 -17.80
C THR A 111 -2.79 -24.86 -16.98
N SER A 112 -2.00 -23.97 -17.57
CA SER A 112 -0.85 -23.38 -16.88
C SER A 112 -1.39 -22.28 -15.97
N SER A 113 -2.09 -22.70 -14.93
CA SER A 113 -2.73 -21.81 -13.97
C SER A 113 -2.50 -22.33 -12.56
N THR A 114 -2.60 -21.44 -11.57
CA THR A 114 -2.38 -21.81 -10.16
C THR A 114 -3.32 -22.85 -9.55
N CYS A 115 -4.44 -23.13 -10.21
CA CYS A 115 -5.37 -24.14 -9.72
C CYS A 115 -5.70 -25.17 -10.77
N GLY A 116 -4.94 -25.17 -11.88
CA GLY A 116 -5.18 -26.13 -12.94
C GLY A 116 -6.35 -25.85 -13.85
N SER A 117 -7.03 -24.72 -13.65
CA SER A 117 -8.18 -24.37 -14.50
C SER A 117 -7.74 -24.16 -15.95
N TYR A 118 -8.55 -24.65 -16.88
CA TYR A 118 -8.28 -24.49 -18.30
C TYR A 118 -8.68 -23.09 -18.72
N PHE A 119 -7.97 -22.53 -19.69
CA PHE A 119 -8.29 -21.22 -20.23
C PHE A 119 -7.65 -21.07 -21.60
N ASN A 120 -8.34 -20.33 -22.47
CA ASN A 120 -7.87 -20.10 -23.82
C ASN A 120 -7.97 -18.62 -24.14
N PRO A 121 -6.88 -17.85 -23.94
CA PRO A 121 -6.86 -16.41 -24.22
C PRO A 121 -7.20 -16.07 -25.66
N GLY A 122 -6.64 -16.83 -26.60
CA GLY A 122 -6.90 -16.60 -28.02
C GLY A 122 -8.39 -16.65 -28.36
N SER A 123 -9.13 -17.58 -27.77
CA SER A 123 -10.55 -17.68 -28.02
C SER A 123 -11.41 -17.02 -26.97
N ARG A 124 -10.80 -16.24 -26.07
CA ARG A 124 -11.51 -15.54 -24.99
C ARG A 124 -12.32 -16.52 -24.12
N ASP A 125 -11.77 -17.70 -23.93
CA ASP A 125 -12.45 -18.74 -23.18
C ASP A 125 -11.89 -18.97 -21.78
N PHE A 126 -12.69 -18.64 -20.77
CA PHE A 126 -12.32 -18.81 -19.35
C PHE A 126 -13.50 -19.50 -18.68
N PRO A 127 -13.73 -20.80 -18.99
CA PRO A 127 -14.80 -21.64 -18.46
C PRO A 127 -14.91 -21.77 -16.94
N ALA A 128 -13.84 -21.42 -16.24
CA ALA A 128 -13.83 -21.50 -14.79
C ALA A 128 -14.61 -20.36 -14.13
N VAL A 129 -14.91 -19.31 -14.89
CA VAL A 129 -15.66 -18.18 -14.34
C VAL A 129 -17.19 -18.37 -14.41
N PRO A 130 -17.78 -18.56 -15.63
CA PRO A 130 -17.19 -18.57 -16.99
C PRO A 130 -17.32 -17.27 -17.76
N TYR A 131 -16.31 -16.98 -18.57
CA TYR A 131 -16.32 -15.82 -19.44
C TYR A 131 -16.12 -16.35 -20.85
N SER A 132 -16.64 -15.62 -21.84
CA SER A 132 -16.50 -16.01 -23.24
C SER A 132 -16.18 -14.77 -24.03
N GLY A 133 -16.06 -14.92 -25.36
CA GLY A 133 -15.79 -13.79 -26.22
C GLY A 133 -16.70 -12.59 -26.06
N TRP A 134 -17.97 -12.88 -25.75
CA TRP A 134 -18.97 -11.82 -25.55
C TRP A 134 -18.74 -10.99 -24.30
N ASP A 135 -17.80 -11.42 -23.45
CA ASP A 135 -17.52 -10.72 -22.20
C ASP A 135 -16.32 -9.79 -22.24
N PHE A 136 -15.73 -9.59 -23.42
CA PHE A 136 -14.55 -8.75 -23.55
C PHE A 136 -14.78 -7.55 -24.47
N ASN A 137 -13.92 -6.53 -24.36
CA ASN A 137 -14.05 -5.32 -25.15
C ASN A 137 -13.45 -5.30 -26.54
N ASP A 138 -13.10 -6.47 -27.07
CA ASP A 138 -12.50 -6.55 -28.40
C ASP A 138 -13.26 -5.74 -29.47
N GLY A 139 -14.58 -5.80 -29.44
CA GLY A 139 -15.38 -5.06 -30.39
C GLY A 139 -15.59 -3.60 -30.03
N LYS A 140 -15.38 -3.26 -28.77
CA LYS A 140 -15.58 -1.89 -28.27
C LYS A 140 -14.34 -1.03 -28.51
N CYS A 141 -13.16 -1.58 -28.23
CA CYS A 141 -11.90 -0.87 -28.41
C CYS A 141 -11.71 -0.40 -29.86
N LYS A 142 -11.35 0.87 -30.03
CA LYS A 142 -11.17 1.45 -31.35
C LYS A 142 -9.74 1.61 -31.84
N THR A 143 -8.76 1.16 -31.07
CA THR A 143 -7.36 1.29 -31.47
C THR A 143 -7.00 0.25 -32.54
N GLY A 144 -6.02 0.57 -33.36
CA GLY A 144 -5.61 -0.38 -34.39
C GLY A 144 -4.98 -1.66 -33.85
N SER A 145 -4.34 -1.57 -32.67
CA SER A 145 -3.71 -2.74 -32.06
C SER A 145 -4.62 -3.51 -31.14
N GLY A 146 -5.63 -2.83 -30.59
CA GLY A 146 -6.53 -3.47 -29.65
C GLY A 146 -6.03 -3.23 -28.23
N ASP A 147 -4.85 -2.62 -28.12
CA ASP A 147 -4.25 -2.29 -26.84
C ASP A 147 -4.30 -0.80 -26.60
N ILE A 148 -4.06 -0.38 -25.36
CA ILE A 148 -4.03 1.05 -25.03
C ILE A 148 -2.75 1.60 -25.66
N GLU A 149 -2.90 2.64 -26.48
CA GLU A 149 -1.75 3.23 -27.17
C GLU A 149 -1.50 4.68 -26.80
N ASN A 150 -2.57 5.41 -26.50
CA ASN A 150 -2.44 6.82 -26.18
C ASN A 150 -3.28 7.18 -24.96
N TYR A 151 -2.60 7.62 -23.90
CA TYR A 151 -3.27 8.01 -22.67
C TYR A 151 -3.97 9.36 -22.71
N ASN A 152 -3.93 10.00 -23.87
CA ASN A 152 -4.58 11.28 -24.08
C ASN A 152 -6.03 11.09 -24.50
N ASP A 153 -6.35 9.84 -24.86
CA ASP A 153 -7.67 9.45 -25.28
C ASP A 153 -8.24 8.66 -24.10
N ALA A 154 -9.06 9.33 -23.29
CA ALA A 154 -9.67 8.71 -22.12
C ALA A 154 -10.52 7.48 -22.41
N THR A 155 -11.03 7.38 -23.63
CA THR A 155 -11.87 6.24 -24.03
C THR A 155 -11.11 4.95 -24.20
N GLN A 156 -10.01 5.00 -24.98
CA GLN A 156 -9.21 3.80 -25.20
C GLN A 156 -8.53 3.28 -23.94
N VAL A 157 -8.30 4.18 -22.98
CA VAL A 157 -7.67 3.80 -21.72
C VAL A 157 -8.58 2.85 -20.94
N ARG A 158 -9.88 3.01 -21.16
CA ARG A 158 -10.89 2.20 -20.50
C ARG A 158 -11.38 0.99 -21.28
N ASP A 159 -11.51 1.15 -22.59
CA ASP A 159 -12.01 0.08 -23.45
C ASP A 159 -11.01 -0.85 -24.11
N CYS A 160 -9.73 -0.47 -24.08
CA CYS A 160 -8.71 -1.29 -24.71
C CYS A 160 -7.85 -2.06 -23.72
N ARG A 161 -7.03 -2.96 -24.24
CA ARG A 161 -6.18 -3.81 -23.41
C ARG A 161 -4.95 -3.16 -22.81
N LEU A 162 -4.88 -3.17 -21.47
CA LEU A 162 -3.72 -2.62 -20.76
C LEU A 162 -2.58 -3.60 -20.96
N THR A 163 -1.58 -3.20 -21.76
CA THR A 163 -0.42 -4.05 -22.05
C THR A 163 -0.80 -5.45 -22.53
N GLY A 164 -1.84 -5.53 -23.37
CA GLY A 164 -2.28 -6.81 -23.90
C GLY A 164 -3.26 -7.61 -23.05
N LEU A 165 -3.54 -7.15 -21.83
CA LEU A 165 -4.45 -7.84 -20.93
C LEU A 165 -5.88 -7.80 -21.42
N LEU A 166 -6.49 -8.97 -21.60
CA LEU A 166 -7.88 -9.07 -22.07
C LEU A 166 -8.79 -8.20 -21.22
N ASP A 167 -9.40 -7.21 -21.86
CA ASP A 167 -10.25 -6.24 -21.19
C ASP A 167 -11.70 -6.65 -21.06
N LEU A 168 -12.16 -6.86 -19.82
CA LEU A 168 -13.54 -7.24 -19.56
C LEU A 168 -14.53 -6.14 -19.89
N ALA A 169 -15.67 -6.53 -20.46
CA ALA A 169 -16.73 -5.59 -20.82
C ALA A 169 -17.53 -5.31 -19.57
N LEU A 170 -17.01 -4.41 -18.73
CA LEU A 170 -17.64 -4.04 -17.46
C LEU A 170 -18.99 -3.37 -17.51
N GLU A 171 -19.47 -3.03 -18.71
CA GLU A 171 -20.77 -2.40 -18.87
C GLU A 171 -21.89 -3.45 -18.79
N LYS A 172 -21.52 -4.69 -19.07
CA LYS A 172 -22.48 -5.79 -19.07
C LYS A 172 -22.85 -6.22 -17.67
N ASP A 173 -24.16 -6.35 -17.41
CA ASP A 173 -24.59 -6.78 -16.08
C ASP A 173 -24.02 -8.15 -15.72
N TYR A 174 -23.89 -9.03 -16.71
CA TYR A 174 -23.36 -10.35 -16.46
C TYR A 174 -21.92 -10.30 -15.91
N VAL A 175 -21.07 -9.51 -16.57
CA VAL A 175 -19.68 -9.36 -16.17
C VAL A 175 -19.61 -8.71 -14.80
N ARG A 176 -20.39 -7.64 -14.63
CA ARG A 176 -20.45 -6.92 -13.35
C ARG A 176 -20.90 -7.88 -12.24
N SER A 177 -21.83 -8.77 -12.58
CA SER A 177 -22.34 -9.77 -11.65
C SER A 177 -21.35 -10.83 -11.26
N LYS A 178 -20.57 -11.29 -12.22
CA LYS A 178 -19.55 -12.31 -11.94
C LYS A 178 -18.48 -11.75 -11.02
N ILE A 179 -18.17 -10.48 -11.22
CA ILE A 179 -17.18 -9.81 -10.39
C ILE A 179 -17.73 -9.63 -8.98
N ALA A 180 -18.99 -9.20 -8.89
CA ALA A 180 -19.63 -9.01 -7.59
C ALA A 180 -19.77 -10.34 -6.86
N GLU A 181 -19.96 -11.41 -7.62
CA GLU A 181 -20.10 -12.74 -7.05
C GLU A 181 -18.80 -13.08 -6.33
N TYR A 182 -17.68 -12.79 -7.00
CA TYR A 182 -16.34 -13.01 -6.47
C TYR A 182 -16.10 -12.14 -5.23
N MET A 183 -16.38 -10.85 -5.35
CA MET A 183 -16.18 -9.91 -4.26
C MET A 183 -17.07 -10.18 -3.06
N ASN A 184 -18.32 -10.57 -3.29
CA ASN A 184 -19.24 -10.88 -2.19
C ASN A 184 -18.84 -12.15 -1.48
N HIS A 185 -18.26 -13.08 -2.22
CA HIS A 185 -17.77 -14.34 -1.65
C HIS A 185 -16.68 -13.96 -0.65
N LEU A 186 -15.82 -13.03 -1.05
CA LEU A 186 -14.75 -12.53 -0.21
C LEU A 186 -15.27 -11.78 1.00
N ILE A 187 -16.22 -10.88 0.79
CA ILE A 187 -16.85 -10.11 1.86
C ILE A 187 -17.48 -11.01 2.91
N ASP A 188 -18.24 -11.99 2.44
CA ASP A 188 -18.91 -12.94 3.35
C ASP A 188 -17.91 -13.79 4.12
N ILE A 189 -16.68 -13.86 3.60
CA ILE A 189 -15.60 -14.58 4.25
C ILE A 189 -15.09 -13.73 5.42
N GLY A 190 -15.14 -12.40 5.23
CA GLY A 190 -14.70 -11.51 6.28
C GLY A 190 -13.82 -10.35 5.87
N VAL A 191 -13.49 -10.23 4.58
CA VAL A 191 -12.66 -9.11 4.12
C VAL A 191 -13.32 -7.76 4.43
N ALA A 192 -12.51 -6.79 4.81
CA ALA A 192 -13.00 -5.46 5.17
C ALA A 192 -13.04 -4.43 4.03
N GLY A 193 -12.40 -4.77 2.92
CA GLY A 193 -12.38 -3.85 1.80
C GLY A 193 -11.52 -4.32 0.67
N PHE A 194 -11.34 -3.48 -0.34
CA PHE A 194 -10.57 -3.87 -1.51
C PHE A 194 -9.75 -2.79 -2.15
N ARG A 195 -8.67 -3.21 -2.81
CA ARG A 195 -7.83 -2.33 -3.60
C ARG A 195 -8.37 -2.65 -4.99
N LEU A 196 -8.91 -1.66 -5.70
CA LEU A 196 -9.40 -1.94 -7.04
C LEU A 196 -8.29 -1.68 -8.01
N ASP A 197 -7.66 -2.77 -8.45
CA ASP A 197 -6.54 -2.72 -9.38
C ASP A 197 -6.94 -2.06 -10.70
N ALA A 198 -6.01 -1.29 -11.28
CA ALA A 198 -6.22 -0.64 -12.57
C ALA A 198 -7.55 0.10 -12.72
N SER A 199 -7.98 0.81 -11.68
CA SER A 199 -9.24 1.56 -11.73
C SER A 199 -9.27 2.63 -12.79
N LYS A 200 -8.10 3.15 -13.14
CA LYS A 200 -7.99 4.17 -14.18
C LYS A 200 -8.49 3.59 -15.50
N HIS A 201 -8.33 2.28 -15.64
CA HIS A 201 -8.73 1.55 -16.83
C HIS A 201 -10.17 1.09 -16.84
N MET A 202 -10.94 1.55 -15.85
CA MET A 202 -12.35 1.21 -15.73
C MET A 202 -13.13 2.50 -15.61
N TRP A 203 -14.33 2.54 -16.20
CA TRP A 203 -15.18 3.72 -16.13
C TRP A 203 -15.73 3.86 -14.72
N PRO A 204 -15.71 5.08 -14.15
CA PRO A 204 -16.22 5.32 -12.81
C PRO A 204 -17.63 4.74 -12.61
N GLY A 205 -18.46 4.88 -13.65
CA GLY A 205 -19.81 4.36 -13.63
C GLY A 205 -19.90 2.84 -13.58
N ASP A 206 -18.97 2.15 -14.24
CA ASP A 206 -18.96 0.68 -14.22
C ASP A 206 -18.54 0.19 -12.85
N ILE A 207 -17.56 0.87 -12.25
CA ILE A 207 -17.11 0.50 -10.91
C ILE A 207 -18.28 0.71 -9.96
N LYS A 208 -18.98 1.84 -10.12
CA LYS A 208 -20.13 2.16 -9.29
C LYS A 208 -21.20 1.07 -9.36
N ALA A 209 -21.49 0.62 -10.57
CA ALA A 209 -22.49 -0.41 -10.80
C ALA A 209 -22.11 -1.72 -10.11
N ILE A 210 -20.81 -1.99 -10.06
CA ILE A 210 -20.29 -3.19 -9.41
C ILE A 210 -20.43 -3.05 -7.91
N LEU A 211 -20.03 -1.89 -7.40
CA LEU A 211 -20.11 -1.63 -5.96
C LEU A 211 -21.52 -1.71 -5.41
N ASP A 212 -22.49 -1.32 -6.23
CA ASP A 212 -23.90 -1.37 -5.83
C ASP A 212 -24.40 -2.79 -5.58
N LYS A 213 -23.64 -3.78 -6.05
CA LYS A 213 -24.02 -5.17 -5.88
C LYS A 213 -23.31 -5.85 -4.71
N LEU A 214 -22.45 -5.10 -4.02
CA LEU A 214 -21.69 -5.63 -2.88
C LEU A 214 -22.45 -5.64 -1.58
N HIS A 215 -22.23 -6.68 -0.77
CA HIS A 215 -22.88 -6.81 0.54
C HIS A 215 -22.21 -5.88 1.52
N ASN A 216 -22.74 -5.87 2.73
CA ASN A 216 -22.14 -5.12 3.79
C ASN A 216 -21.13 -6.10 4.41
N LEU A 217 -20.26 -5.62 5.29
CA LEU A 217 -19.28 -6.52 5.90
C LEU A 217 -19.93 -7.58 6.76
N ASN A 218 -19.24 -8.71 6.95
CA ASN A 218 -19.77 -9.83 7.73
C ASN A 218 -20.17 -9.36 9.14
N SER A 219 -21.45 -9.54 9.45
CA SER A 219 -22.02 -9.16 10.73
C SER A 219 -21.52 -9.91 11.96
N ASN A 220 -20.64 -10.90 11.76
CA ASN A 220 -20.08 -11.63 12.90
C ASN A 220 -18.93 -10.83 13.49
N TRP A 221 -18.29 -10.01 12.65
CA TRP A 221 -17.15 -9.19 13.06
C TRP A 221 -17.38 -7.69 13.02
N PHE A 222 -18.23 -7.23 12.10
CA PHE A 222 -18.48 -5.80 11.94
C PHE A 222 -19.89 -5.39 12.25
N PRO A 223 -20.11 -4.12 12.70
CA PRO A 223 -21.47 -3.67 13.02
C PRO A 223 -22.32 -3.68 11.75
N ALA A 224 -23.63 -3.82 11.92
CA ALA A 224 -24.55 -3.86 10.79
C ALA A 224 -24.45 -2.60 9.94
N GLY A 225 -24.58 -2.76 8.63
CA GLY A 225 -24.51 -1.63 7.73
C GLY A 225 -23.11 -1.13 7.37
N SER A 226 -22.08 -1.91 7.72
CA SER A 226 -20.70 -1.52 7.40
C SER A 226 -20.41 -1.78 5.92
N LYS A 227 -20.03 -0.72 5.21
CA LYS A 227 -19.70 -0.86 3.80
C LYS A 227 -18.22 -1.16 3.63
N PRO A 228 -17.87 -2.07 2.69
CA PRO A 228 -16.45 -2.38 2.50
C PRO A 228 -15.62 -1.17 2.10
N PHE A 229 -14.40 -1.12 2.62
CA PHE A 229 -13.48 -0.03 2.32
C PHE A 229 -13.06 -0.19 0.86
N ILE A 230 -13.14 0.89 0.10
CA ILE A 230 -12.76 0.85 -1.31
C ILE A 230 -11.70 1.87 -1.64
N TYR A 231 -10.55 1.40 -2.09
CA TYR A 231 -9.50 2.30 -2.54
C TYR A 231 -9.13 1.90 -3.94
N GLN A 232 -9.47 2.76 -4.88
CA GLN A 232 -9.23 2.54 -6.29
C GLN A 232 -7.83 2.94 -6.71
N GLU A 233 -7.13 2.04 -7.40
CA GLU A 233 -5.80 2.39 -7.87
C GLU A 233 -5.95 3.19 -9.16
N VAL A 234 -5.73 4.50 -9.04
CA VAL A 234 -5.81 5.38 -10.20
C VAL A 234 -4.48 6.10 -10.23
N ILE A 235 -3.64 5.75 -11.19
CA ILE A 235 -2.34 6.39 -11.34
C ILE A 235 -2.54 7.70 -12.09
N ASP A 236 -2.59 8.79 -11.34
CA ASP A 236 -2.78 10.11 -11.92
C ASP A 236 -1.72 11.07 -11.41
N LEU A 237 -0.73 11.35 -12.25
CA LEU A 237 0.34 12.28 -11.90
C LEU A 237 0.08 13.61 -12.57
N GLY A 238 -1.12 13.76 -13.12
CA GLY A 238 -1.48 14.98 -13.83
C GLY A 238 -0.97 14.86 -15.25
N GLY A 239 -1.26 15.86 -16.07
CA GLY A 239 -0.80 15.84 -17.46
C GLY A 239 -1.65 14.98 -18.38
N GLU A 240 -2.61 14.24 -17.82
CA GLU A 240 -3.48 13.38 -18.60
C GLU A 240 -4.93 13.80 -18.39
N PRO A 241 -5.83 13.48 -19.36
CA PRO A 241 -7.25 13.84 -19.25
C PRO A 241 -8.00 13.16 -18.09
N ILE A 242 -7.66 11.91 -17.80
CA ILE A 242 -8.31 11.17 -16.71
C ILE A 242 -7.83 11.72 -15.36
N LYS A 243 -8.80 12.11 -14.52
CA LYS A 243 -8.52 12.66 -13.19
C LYS A 243 -9.08 11.70 -12.16
N SER A 244 -8.33 11.39 -11.11
CA SER A 244 -8.80 10.48 -10.06
C SER A 244 -10.05 10.99 -9.36
N SER A 245 -10.29 12.29 -9.47
CA SER A 245 -11.47 12.91 -8.90
C SER A 245 -12.77 12.38 -9.47
N ASP A 246 -12.68 11.83 -10.68
CA ASP A 246 -13.83 11.24 -11.36
C ASP A 246 -14.32 9.99 -10.62
N TYR A 247 -13.46 9.48 -9.74
CA TYR A 247 -13.74 8.26 -8.99
C TYR A 247 -14.14 8.43 -7.53
N PHE A 248 -14.22 9.67 -7.05
CA PHE A 248 -14.58 9.96 -5.65
C PHE A 248 -15.92 9.41 -5.17
N GLY A 249 -16.85 9.23 -6.10
CA GLY A 249 -18.16 8.70 -5.74
C GLY A 249 -18.17 7.22 -5.41
N ASN A 250 -17.05 6.54 -5.66
CA ASN A 250 -16.93 5.11 -5.40
C ASN A 250 -16.17 4.78 -4.13
N GLY A 251 -15.29 5.69 -3.72
CA GLY A 251 -14.47 5.45 -2.56
C GLY A 251 -13.18 6.23 -2.67
N ARG A 252 -12.18 5.84 -1.90
CA ARG A 252 -10.87 6.49 -1.97
C ARG A 252 -10.10 6.13 -3.23
N VAL A 253 -9.01 6.84 -3.46
CA VAL A 253 -8.15 6.61 -4.61
C VAL A 253 -6.71 6.65 -4.14
N THR A 254 -5.84 5.95 -4.85
CA THR A 254 -4.41 5.94 -4.52
C THR A 254 -3.86 7.28 -5.01
N GLU A 255 -3.08 7.94 -4.14
CA GLU A 255 -2.48 9.20 -4.48
C GLU A 255 -1.01 8.97 -4.80
N PHE A 256 -0.71 8.64 -6.05
CA PHE A 256 0.66 8.38 -6.48
C PHE A 256 1.55 9.61 -6.54
N LYS A 257 0.93 10.79 -6.44
CA LYS A 257 1.71 12.05 -6.47
C LYS A 257 2.39 12.19 -5.12
N TYR A 258 1.83 11.53 -4.12
CA TYR A 258 2.34 11.55 -2.76
C TYR A 258 3.78 11.04 -2.66
N GLY A 259 3.98 9.78 -3.02
CA GLY A 259 5.29 9.18 -2.94
C GLY A 259 6.27 9.73 -3.97
N ALA A 260 5.76 10.11 -5.13
CA ALA A 260 6.60 10.68 -6.19
C ALA A 260 7.22 11.99 -5.75
N LYS A 261 6.40 12.84 -5.13
CA LYS A 261 6.87 14.11 -4.63
C LYS A 261 7.67 14.05 -3.36
N LEU A 262 7.26 13.18 -2.47
CA LEU A 262 7.97 13.02 -1.20
C LEU A 262 9.37 12.50 -1.48
N GLY A 263 9.49 11.69 -2.53
CA GLY A 263 10.78 11.15 -2.92
C GLY A 263 11.69 12.22 -3.46
N THR A 264 11.17 13.06 -4.36
CA THR A 264 11.96 14.15 -4.93
C THR A 264 12.43 15.11 -3.84
N VAL A 265 11.56 15.33 -2.85
CA VAL A 265 11.87 16.21 -1.72
C VAL A 265 13.01 15.67 -0.85
N ILE A 266 12.85 14.44 -0.39
CA ILE A 266 13.86 13.83 0.48
C ILE A 266 15.20 13.58 -0.23
N ARG A 267 15.13 13.31 -1.54
CA ARG A 267 16.35 13.09 -2.32
C ARG A 267 16.93 14.44 -2.71
N LYS A 268 16.16 15.50 -2.44
CA LYS A 268 16.55 16.88 -2.73
C LYS A 268 16.79 17.13 -4.21
N TRP A 269 15.90 16.59 -5.04
CA TRP A 269 15.97 16.75 -6.48
C TRP A 269 15.32 18.02 -6.93
N ASN A 270 15.82 18.61 -8.01
CA ASN A 270 15.23 19.85 -8.57
C ASN A 270 15.19 21.05 -7.63
N GLY A 271 16.09 21.07 -6.64
CA GLY A 271 16.10 22.16 -5.68
C GLY A 271 15.06 22.01 -4.58
N GLU A 272 14.36 20.88 -4.57
CA GLU A 272 13.36 20.60 -3.56
C GLU A 272 13.97 20.44 -2.18
N LYS A 273 13.23 20.89 -1.15
CA LYS A 273 13.70 20.79 0.21
C LYS A 273 12.56 20.53 1.18
N MET A 274 12.87 19.91 2.31
CA MET A 274 11.87 19.61 3.33
C MET A 274 11.09 20.78 3.89
N SER A 275 11.71 21.97 3.87
CA SER A 275 11.05 23.17 4.36
C SER A 275 9.78 23.48 3.55
N TYR A 276 9.72 22.94 2.33
CA TYR A 276 8.57 23.14 1.46
C TYR A 276 7.39 22.25 1.80
N LEU A 277 7.59 21.30 2.72
CA LEU A 277 6.55 20.38 3.14
C LEU A 277 5.55 20.98 4.10
N LYS A 278 5.75 22.24 4.48
CA LYS A 278 4.84 22.94 5.40
C LYS A 278 3.38 22.85 4.99
N ASN A 279 3.12 23.00 3.71
CA ASN A 279 1.76 22.95 3.19
C ASN A 279 1.45 21.62 2.53
N TRP A 280 2.14 20.57 2.97
CA TRP A 280 1.96 19.21 2.46
C TRP A 280 0.48 18.84 2.36
N GLY A 281 0.12 18.09 1.33
CA GLY A 281 -1.26 17.71 1.17
C GLY A 281 -1.92 18.31 -0.04
N GLU A 282 -3.16 18.76 0.13
CA GLU A 282 -3.93 19.37 -0.96
C GLU A 282 -3.19 20.56 -1.55
N GLY A 283 -2.37 21.21 -0.72
CA GLY A 283 -1.57 22.34 -1.16
C GLY A 283 -0.58 21.97 -2.26
N TRP A 284 -0.29 20.67 -2.38
CA TRP A 284 0.62 20.17 -3.40
C TRP A 284 -0.12 19.61 -4.59
N GLY A 285 -1.40 19.96 -4.71
CA GLY A 285 -2.21 19.46 -5.83
C GLY A 285 -2.69 18.03 -5.61
N PHE A 286 -2.72 17.59 -4.35
CA PHE A 286 -3.17 16.24 -4.04
C PHE A 286 -4.67 16.20 -3.89
N VAL A 287 -5.25 15.00 -3.95
CA VAL A 287 -6.68 14.81 -3.80
C VAL A 287 -7.04 15.12 -2.34
N PRO A 288 -8.33 15.32 -2.01
CA PRO A 288 -8.71 15.60 -0.63
C PRO A 288 -8.23 14.49 0.31
N SER A 289 -7.78 14.88 1.49
CA SER A 289 -7.27 13.91 2.47
C SER A 289 -8.19 12.72 2.74
N ASP A 290 -9.48 12.98 2.88
CA ASP A 290 -10.45 11.91 3.15
C ASP A 290 -10.73 10.98 1.97
N ARG A 291 -10.08 11.22 0.83
CA ARG A 291 -10.25 10.39 -0.34
C ARG A 291 -8.93 9.82 -0.78
N ALA A 292 -7.90 10.02 0.05
CA ALA A 292 -6.57 9.54 -0.30
C ALA A 292 -6.06 8.34 0.46
N LEU A 293 -5.38 7.47 -0.28
CA LEU A 293 -4.73 6.28 0.23
C LEU A 293 -3.28 6.61 -0.11
N VAL A 294 -2.47 6.89 0.90
CA VAL A 294 -1.06 7.25 0.68
C VAL A 294 -0.06 6.17 1.04
N PHE A 295 1.14 6.31 0.47
CA PHE A 295 2.23 5.35 0.65
C PHE A 295 3.48 5.96 0.04
N VAL A 296 4.64 5.52 0.50
CA VAL A 296 5.91 6.02 -0.04
C VAL A 296 6.19 5.31 -1.37
N ASP A 297 6.10 3.98 -1.34
CA ASP A 297 6.31 3.14 -2.51
C ASP A 297 5.26 2.04 -2.50
N ASN A 298 5.02 1.43 -3.66
CA ASN A 298 4.06 0.34 -3.76
C ASN A 298 4.74 -0.82 -4.47
N HIS A 299 4.06 -1.95 -4.63
CA HIS A 299 4.65 -3.11 -5.31
C HIS A 299 5.14 -2.83 -6.74
N ASP A 300 4.50 -1.87 -7.41
CA ASP A 300 4.89 -1.53 -8.78
C ASP A 300 6.09 -0.61 -8.87
N ASN A 301 5.97 0.59 -8.31
CA ASN A 301 7.06 1.57 -8.41
C ASN A 301 8.32 1.32 -7.62
N GLN A 302 8.30 0.37 -6.68
CA GLN A 302 9.51 0.07 -5.93
C GLN A 302 10.50 -0.67 -6.83
N ARG A 303 9.96 -1.15 -7.95
CA ARG A 303 10.74 -1.89 -8.94
C ARG A 303 10.58 -1.27 -10.33
N GLY A 304 10.23 0.02 -10.36
CA GLY A 304 10.05 0.75 -11.59
C GLY A 304 8.94 0.30 -12.54
N HIS A 305 7.90 -0.34 -12.00
CA HIS A 305 6.79 -0.84 -12.81
C HIS A 305 5.51 0.00 -12.87
N GLY A 306 5.44 1.08 -12.11
CA GLY A 306 4.22 1.88 -12.18
C GLY A 306 4.48 3.27 -12.68
N ALA A 307 4.44 4.21 -11.74
CA ALA A 307 4.67 5.62 -12.01
C ALA A 307 5.24 6.21 -10.73
N GLY A 308 6.09 7.23 -10.88
CA GLY A 308 6.70 7.87 -9.75
C GLY A 308 8.12 8.23 -10.10
N GLY A 309 8.67 7.47 -11.06
CA GLY A 309 10.02 7.71 -11.52
C GLY A 309 11.09 7.12 -10.64
N ALA A 310 12.32 7.59 -10.85
CA ALA A 310 13.46 7.13 -10.07
C ALA A 310 13.49 7.84 -8.72
N SER A 311 12.50 8.70 -8.46
CA SER A 311 12.43 9.43 -7.21
C SER A 311 11.90 8.59 -6.07
N ILE A 312 11.14 7.55 -6.40
CA ILE A 312 10.56 6.69 -5.39
C ILE A 312 11.60 6.08 -4.46
N LEU A 313 11.35 6.21 -3.16
CA LEU A 313 12.22 5.67 -2.14
C LEU A 313 11.72 4.29 -1.76
N THR A 314 12.65 3.36 -1.55
CA THR A 314 12.31 1.97 -1.22
C THR A 314 13.23 1.51 -0.10
N PHE A 315 13.02 0.28 0.38
CA PHE A 315 13.88 -0.29 1.43
C PHE A 315 15.35 -0.29 1.01
N TRP A 316 15.62 -0.29 -0.30
CA TRP A 316 16.99 -0.24 -0.79
C TRP A 316 17.68 1.03 -0.31
N ASP A 317 16.89 2.06 -0.09
CA ASP A 317 17.37 3.36 0.38
C ASP A 317 16.94 3.49 1.84
N ALA A 318 17.20 2.43 2.60
CA ALA A 318 16.85 2.33 4.03
C ALA A 318 16.81 3.59 4.86
N ARG A 319 17.94 4.30 4.94
CA ARG A 319 18.03 5.53 5.72
C ARG A 319 17.03 6.63 5.33
N LEU A 320 16.98 6.96 4.04
CA LEU A 320 16.07 7.99 3.55
C LEU A 320 14.63 7.49 3.52
N TYR A 321 14.49 6.18 3.32
CA TYR A 321 13.18 5.54 3.28
C TYR A 321 12.50 5.67 4.64
N LYS A 322 13.26 5.38 5.70
CA LYS A 322 12.73 5.48 7.06
C LYS A 322 12.24 6.89 7.39
N MET A 323 12.92 7.89 6.82
CA MET A 323 12.54 9.29 7.04
C MET A 323 11.26 9.63 6.32
N ALA A 324 11.14 9.20 5.07
CA ALA A 324 9.94 9.41 4.27
C ALA A 324 8.74 8.78 4.87
N VAL A 325 8.92 7.54 5.31
CA VAL A 325 7.84 6.78 5.94
C VAL A 325 7.45 7.46 7.25
N GLY A 326 8.45 7.94 7.99
CA GLY A 326 8.21 8.60 9.26
C GLY A 326 7.42 9.89 9.05
N PHE A 327 7.81 10.66 8.05
CA PHE A 327 7.09 11.88 7.73
C PHE A 327 5.64 11.58 7.38
N MET A 328 5.47 10.58 6.53
CA MET A 328 4.13 10.17 6.10
C MET A 328 3.25 9.76 7.28
N LEU A 329 3.80 8.94 8.16
CA LEU A 329 3.09 8.45 9.32
C LEU A 329 2.78 9.51 10.37
N ALA A 330 3.61 10.56 10.41
CA ALA A 330 3.39 11.65 11.36
C ALA A 330 2.40 12.68 10.83
N HIS A 331 2.38 12.85 9.51
CA HIS A 331 1.49 13.81 8.86
C HIS A 331 0.05 13.31 8.75
N PRO A 332 -0.94 14.16 9.14
CA PRO A 332 -2.37 13.82 9.10
C PRO A 332 -3.03 13.55 7.76
N TYR A 333 -2.36 13.93 6.66
CA TYR A 333 -2.93 13.72 5.34
C TYR A 333 -3.13 12.25 4.96
N GLY A 334 -4.34 11.95 4.48
CA GLY A 334 -4.71 10.64 3.99
C GLY A 334 -4.63 9.43 4.90
N PHE A 335 -5.01 8.28 4.36
CA PHE A 335 -4.95 7.02 5.08
C PHE A 335 -3.67 6.36 4.61
N THR A 336 -2.84 5.96 5.56
CA THR A 336 -1.53 5.37 5.28
C THR A 336 -1.42 3.87 5.05
N ARG A 337 -0.62 3.51 4.05
CA ARG A 337 -0.31 2.13 3.72
C ARG A 337 1.18 1.93 3.80
N VAL A 338 1.61 0.98 4.62
CA VAL A 338 3.02 0.67 4.78
C VAL A 338 3.38 -0.49 3.86
N MET A 339 4.48 -0.37 3.13
CA MET A 339 4.93 -1.42 2.23
C MET A 339 5.78 -2.44 3.00
N SER A 340 5.66 -3.70 2.62
CA SER A 340 6.44 -4.77 3.21
C SER A 340 6.81 -5.62 2.00
N SER A 341 8.11 -5.72 1.72
CA SER A 341 8.55 -6.43 0.53
C SER A 341 9.51 -7.59 0.74
N TYR A 342 10.01 -8.11 -0.38
CA TYR A 342 10.99 -9.17 -0.38
C TYR A 342 12.18 -8.67 -1.15
N ARG A 343 13.35 -9.19 -0.83
CA ARG A 343 14.57 -8.80 -1.51
C ARG A 343 14.69 -9.60 -2.80
N TRP A 344 15.27 -8.98 -3.81
CA TRP A 344 15.47 -9.63 -5.09
C TRP A 344 16.80 -9.13 -5.61
N PRO A 345 17.44 -9.90 -6.52
CA PRO A 345 18.73 -9.46 -7.05
C PRO A 345 18.62 -8.31 -8.05
N ARG A 346 18.47 -7.09 -7.54
CA ARG A 346 18.40 -5.91 -8.41
C ARG A 346 19.70 -5.82 -9.21
N GLN A 347 19.56 -5.80 -10.52
CA GLN A 347 20.71 -5.72 -11.40
C GLN A 347 20.46 -4.65 -12.44
N PHE A 348 20.96 -3.44 -12.18
CA PHE A 348 20.80 -2.33 -13.09
C PHE A 348 21.69 -2.40 -14.31
N GLN A 349 21.09 -2.22 -15.48
CA GLN A 349 21.82 -2.25 -16.75
C GLN A 349 21.24 -1.18 -17.63
N ASN A 350 22.07 -0.20 -17.98
CA ASN A 350 21.64 0.92 -18.82
C ASN A 350 20.50 1.71 -18.16
N GLY A 351 20.55 1.78 -16.83
CA GLY A 351 19.55 2.50 -16.07
C GLY A 351 18.30 1.76 -15.66
N ASN A 352 18.17 0.48 -16.03
CA ASN A 352 16.99 -0.30 -15.69
C ASN A 352 17.33 -1.64 -15.07
N ASP A 353 16.49 -2.07 -14.13
CA ASP A 353 16.65 -3.33 -13.41
C ASP A 353 16.13 -4.49 -14.25
N VAL A 354 17.07 -5.30 -14.77
CA VAL A 354 16.71 -6.46 -15.61
C VAL A 354 16.03 -7.59 -14.83
N ASN A 355 16.09 -7.51 -13.49
CA ASN A 355 15.48 -8.52 -12.63
C ASN A 355 14.25 -7.98 -11.92
N ASP A 356 13.62 -6.96 -12.50
CA ASP A 356 12.43 -6.35 -11.89
C ASP A 356 11.21 -7.29 -11.91
N TRP A 357 11.35 -8.43 -12.60
CA TRP A 357 10.29 -9.41 -12.74
C TRP A 357 10.32 -10.46 -11.64
N VAL A 358 11.47 -10.64 -11.01
CA VAL A 358 11.67 -11.66 -9.97
C VAL A 358 10.56 -11.75 -8.94
N GLY A 359 9.99 -12.95 -8.82
CA GLY A 359 8.93 -13.18 -7.86
C GLY A 359 9.45 -13.31 -6.44
N PRO A 360 8.55 -13.59 -5.47
CA PRO A 360 8.90 -13.74 -4.06
C PRO A 360 9.86 -14.87 -3.78
N PRO A 361 10.56 -14.84 -2.62
CA PRO A 361 11.50 -15.89 -2.23
C PRO A 361 10.83 -17.24 -2.42
N ASN A 362 11.54 -18.16 -3.05
CA ASN A 362 10.94 -19.45 -3.36
C ASN A 362 11.90 -20.61 -3.53
N ASN A 363 11.32 -21.82 -3.47
CA ASN A 363 12.04 -23.05 -3.68
C ASN A 363 11.28 -23.75 -4.78
N ASN A 364 11.86 -23.77 -5.99
CA ASN A 364 11.24 -24.38 -7.16
C ASN A 364 9.84 -23.79 -7.45
N GLY A 365 9.66 -22.50 -7.16
CA GLY A 365 8.38 -21.88 -7.41
C GLY A 365 7.44 -21.81 -6.23
N VAL A 366 7.75 -22.56 -5.16
CA VAL A 366 6.91 -22.55 -3.97
C VAL A 366 7.42 -21.44 -3.07
N ILE A 367 6.56 -20.45 -2.80
CA ILE A 367 6.91 -19.31 -1.95
C ILE A 367 7.40 -19.77 -0.58
N LYS A 368 8.51 -19.16 -0.13
CA LYS A 368 9.12 -19.48 1.15
C LYS A 368 8.32 -18.92 2.32
N GLU A 369 8.37 -19.63 3.44
CA GLU A 369 7.67 -19.19 4.65
C GLU A 369 8.38 -17.97 5.19
N VAL A 370 7.66 -17.15 5.94
CA VAL A 370 8.27 -15.97 6.53
C VAL A 370 8.81 -16.42 7.88
N THR A 371 10.12 -16.37 8.03
CA THR A 371 10.76 -16.77 9.29
C THR A 371 11.08 -15.53 10.09
N ILE A 372 10.99 -15.64 11.41
CA ILE A 372 11.29 -14.51 12.30
C ILE A 372 12.59 -14.74 13.04
N ASN A 373 13.48 -13.75 12.99
CA ASN A 373 14.76 -13.83 13.67
C ASN A 373 14.61 -13.35 15.11
N PRO A 374 15.58 -13.68 15.99
CA PRO A 374 15.51 -13.26 17.40
C PRO A 374 15.40 -11.74 17.60
N ASP A 375 16.00 -10.97 16.70
CA ASP A 375 15.96 -9.51 16.77
C ASP A 375 14.68 -8.93 16.18
N THR A 376 13.72 -9.81 15.88
CA THR A 376 12.40 -9.49 15.31
C THR A 376 12.38 -9.18 13.82
N THR A 377 13.52 -9.34 13.14
CA THR A 377 13.59 -9.11 11.69
C THR A 377 13.13 -10.42 11.04
N CYS A 378 13.04 -10.43 9.72
CA CYS A 378 12.63 -11.64 9.01
C CYS A 378 13.77 -12.25 8.23
N GLY A 379 13.67 -13.57 8.01
CA GLY A 379 14.66 -14.29 7.24
C GLY A 379 14.02 -14.68 5.93
N ASN A 380 14.68 -15.58 5.18
CA ASN A 380 14.17 -16.04 3.88
C ASN A 380 13.98 -14.94 2.86
N ASP A 381 14.80 -13.89 2.98
CA ASP A 381 14.77 -12.76 2.07
C ASP A 381 13.57 -11.83 2.12
N TRP A 382 12.75 -11.96 3.16
CA TRP A 382 11.60 -11.07 3.32
C TRP A 382 12.16 -9.86 4.05
N VAL A 383 11.90 -8.67 3.50
CA VAL A 383 12.42 -7.44 4.10
C VAL A 383 11.73 -7.07 5.40
N CYS A 384 10.40 -7.20 5.42
CA CYS A 384 9.63 -6.89 6.61
C CYS A 384 9.86 -5.47 7.14
N GLU A 385 9.69 -4.48 6.26
CA GLU A 385 9.88 -3.08 6.64
C GLU A 385 8.98 -2.69 7.79
N HIS A 386 7.79 -3.31 7.83
CA HIS A 386 6.82 -3.04 8.90
C HIS A 386 7.32 -3.45 10.28
N ARG A 387 8.38 -4.26 10.31
CA ARG A 387 8.99 -4.73 11.54
C ARG A 387 10.17 -3.87 11.99
N TRP A 388 10.66 -3.02 11.10
CA TRP A 388 11.78 -2.11 11.43
C TRP A 388 11.32 -1.23 12.58
N ARG A 389 12.11 -1.16 13.65
CA ARG A 389 11.73 -0.35 14.81
C ARG A 389 11.24 1.05 14.45
N GLN A 390 11.98 1.70 13.55
CA GLN A 390 11.66 3.05 13.10
C GLN A 390 10.32 3.19 12.40
N ILE A 391 9.92 2.15 11.67
CA ILE A 391 8.64 2.17 10.96
C ILE A 391 7.50 1.72 11.86
N ARG A 392 7.73 0.62 12.58
CA ARG A 392 6.73 0.09 13.48
C ARG A 392 6.33 1.10 14.56
N ASN A 393 7.31 1.82 15.11
CA ASN A 393 7.00 2.81 16.14
C ASN A 393 6.28 4.04 15.61
N MET A 394 6.50 4.32 14.33
CA MET A 394 5.83 5.44 13.70
C MET A 394 4.40 5.08 13.36
N VAL A 395 4.15 3.79 13.18
CA VAL A 395 2.80 3.30 12.90
C VAL A 395 2.00 3.52 14.17
N ILE A 396 2.65 3.27 15.31
CA ILE A 396 2.04 3.44 16.62
C ILE A 396 1.86 4.94 16.87
N PHE A 397 2.88 5.71 16.51
CA PHE A 397 2.83 7.16 16.65
C PHE A 397 1.55 7.68 15.99
N ARG A 398 1.25 7.16 14.80
CA ARG A 398 0.07 7.58 14.06
C ARG A 398 -1.22 7.27 14.82
N ASN A 399 -1.26 6.11 15.48
CA ASN A 399 -2.44 5.73 16.26
C ASN A 399 -2.62 6.67 17.44
N VAL A 400 -1.53 6.95 18.14
CA VAL A 400 -1.53 7.84 19.31
C VAL A 400 -1.98 9.28 19.03
N VAL A 401 -1.60 9.82 17.88
CA VAL A 401 -1.95 11.18 17.53
C VAL A 401 -3.19 11.32 16.68
N ASP A 402 -3.81 10.20 16.34
CA ASP A 402 -5.00 10.22 15.48
C ASP A 402 -6.04 11.26 15.90
N GLY A 403 -6.38 12.13 14.95
CA GLY A 403 -7.35 13.17 15.22
C GLY A 403 -6.76 14.50 15.61
N GLN A 404 -5.51 14.49 16.09
CA GLN A 404 -4.83 15.71 16.48
C GLN A 404 -4.44 16.56 15.28
N PRO A 405 -4.53 17.89 15.39
CA PRO A 405 -4.20 18.77 14.26
C PRO A 405 -2.70 18.93 14.01
N PHE A 406 -2.39 19.33 12.79
CA PHE A 406 -1.03 19.60 12.35
C PHE A 406 -0.70 20.95 12.97
N THR A 407 0.33 21.02 13.81
CA THR A 407 0.68 22.28 14.47
C THR A 407 2.15 22.37 14.81
N ASN A 408 2.54 23.54 15.32
CA ASN A 408 3.91 23.82 15.75
C ASN A 408 4.98 23.49 14.70
N TRP A 409 4.71 23.86 13.45
CA TRP A 409 5.65 23.60 12.38
C TRP A 409 6.89 24.48 12.55
N TYR A 410 8.05 23.89 12.28
CA TYR A 410 9.31 24.59 12.31
C TYR A 410 10.08 24.13 11.08
N ASP A 411 10.97 25.00 10.59
CA ASP A 411 11.86 24.72 9.48
C ASP A 411 12.97 25.73 9.49
N ASN A 412 14.17 25.31 9.06
CA ASN A 412 15.31 26.21 9.01
C ASN A 412 15.47 26.86 7.63
N GLY A 413 14.43 26.76 6.81
CA GLY A 413 14.51 27.29 5.47
C GLY A 413 15.23 26.39 4.51
N SER A 414 15.72 25.27 5.02
CA SER A 414 16.44 24.32 4.22
C SER A 414 15.83 22.92 4.36
N ASN A 415 16.52 22.01 5.02
CA ASN A 415 16.01 20.65 5.16
C ASN A 415 15.82 20.14 6.59
N GLN A 416 15.77 21.06 7.56
CA GLN A 416 15.56 20.69 8.95
C GLN A 416 14.21 21.24 9.33
N VAL A 417 13.28 20.34 9.61
CA VAL A 417 11.90 20.70 9.93
C VAL A 417 11.37 19.92 11.13
N ALA A 418 10.23 20.35 11.64
CA ALA A 418 9.61 19.69 12.75
C ALA A 418 8.18 20.12 12.85
N PHE A 419 7.35 19.30 13.47
CA PHE A 419 5.94 19.64 13.63
C PHE A 419 5.32 18.73 14.66
N GLY A 420 4.17 19.14 15.16
CA GLY A 420 3.48 18.32 16.12
C GLY A 420 2.08 17.99 15.71
N ARG A 421 1.46 17.11 16.48
CA ARG A 421 0.10 16.70 16.26
C ARG A 421 -0.61 16.99 17.56
N GLY A 422 -1.28 18.16 17.62
CA GLY A 422 -1.96 18.56 18.85
C GLY A 422 -1.00 18.49 20.03
N ASN A 423 -1.46 17.90 21.12
CA ASN A 423 -0.62 17.75 22.31
C ASN A 423 -0.27 16.28 22.54
N ARG A 424 -0.31 15.49 21.46
CA ARG A 424 -0.06 14.06 21.54
C ARG A 424 1.24 13.57 20.93
N GLY A 425 1.83 14.36 20.04
CA GLY A 425 3.07 13.94 19.41
C GLY A 425 3.88 15.03 18.76
N PHE A 426 5.17 14.77 18.59
CA PHE A 426 6.07 15.75 17.98
C PHE A 426 7.17 14.99 17.25
N ILE A 427 7.54 15.47 16.07
CA ILE A 427 8.57 14.83 15.27
C ILE A 427 9.54 15.84 14.69
N VAL A 428 10.83 15.50 14.67
CA VAL A 428 11.86 16.39 14.15
C VAL A 428 12.72 15.69 13.13
N PHE A 429 12.96 16.37 12.00
CA PHE A 429 13.77 15.83 10.91
C PHE A 429 14.96 16.69 10.56
N ASN A 430 16.09 16.05 10.26
CA ASN A 430 17.29 16.76 9.82
C ASN A 430 17.76 16.10 8.53
N ASN A 431 17.47 16.74 7.41
CA ASN A 431 17.93 16.19 6.13
C ASN A 431 18.94 17.11 5.45
N ASP A 432 19.57 17.98 6.24
CA ASP A 432 20.59 18.90 5.73
C ASP A 432 21.93 18.23 5.99
N ASP A 433 22.98 18.69 5.32
CA ASP A 433 24.31 18.12 5.49
C ASP A 433 25.08 18.67 6.69
N TRP A 434 24.35 19.19 7.67
CA TRP A 434 24.94 19.73 8.89
C TRP A 434 24.03 19.38 10.06
N SER A 435 24.56 19.51 11.28
CA SER A 435 23.81 19.20 12.49
C SER A 435 22.65 20.13 12.81
N PHE A 436 21.68 19.59 13.55
CA PHE A 436 20.51 20.32 14.01
C PHE A 436 20.53 20.28 15.52
N SER A 437 20.66 21.44 16.14
CA SER A 437 20.68 21.54 17.60
C SER A 437 19.88 22.78 17.96
N LEU A 438 18.66 22.58 18.45
CA LEU A 438 17.82 23.72 18.78
C LEU A 438 16.68 23.34 19.72
N THR A 439 16.19 24.33 20.47
CA THR A 439 15.06 24.15 21.37
C THR A 439 13.79 24.52 20.60
N LEU A 440 12.84 23.58 20.56
CA LEU A 440 11.60 23.79 19.80
C LEU A 440 10.37 23.65 20.67
N GLN A 441 9.30 24.33 20.25
CA GLN A 441 8.03 24.25 20.95
C GLN A 441 7.38 22.96 20.46
N THR A 442 7.13 22.04 21.40
CA THR A 442 6.55 20.75 21.07
C THR A 442 5.04 20.61 21.16
N GLY A 443 4.42 21.43 22.02
CA GLY A 443 2.98 21.34 22.22
C GLY A 443 2.60 20.20 23.15
N LEU A 444 3.62 19.51 23.68
CA LEU A 444 3.42 18.38 24.58
C LEU A 444 3.52 18.79 26.03
N PRO A 445 2.91 18.00 26.95
CA PRO A 445 2.99 18.33 28.38
C PRO A 445 4.39 18.00 28.88
N ALA A 446 4.84 18.72 29.90
CA ALA A 446 6.16 18.53 30.49
C ALA A 446 6.44 17.08 30.89
N GLY A 447 7.71 16.68 30.78
CA GLY A 447 8.09 15.33 31.14
C GLY A 447 9.25 14.82 30.32
N THR A 448 9.59 13.55 30.51
CA THR A 448 10.67 12.90 29.78
C THR A 448 10.04 11.97 28.76
N TYR A 449 10.41 12.12 27.49
CA TYR A 449 9.84 11.28 26.43
C TYR A 449 10.88 10.45 25.71
N CYS A 450 10.54 9.20 25.43
CA CYS A 450 11.44 8.32 24.71
C CYS A 450 11.35 8.56 23.21
N ASP A 451 12.50 8.70 22.57
CA ASP A 451 12.52 8.85 21.13
C ASP A 451 12.23 7.43 20.61
N VAL A 452 11.13 7.29 19.88
CA VAL A 452 10.74 5.99 19.35
C VAL A 452 11.44 5.57 18.06
N ILE A 453 12.34 6.41 17.58
CA ILE A 453 13.09 6.12 16.36
C ILE A 453 14.36 5.38 16.74
N SER A 454 15.13 5.99 17.64
CA SER A 454 16.39 5.41 18.10
C SER A 454 16.19 4.36 19.19
N GLY A 455 14.99 4.30 19.76
CA GLY A 455 14.74 3.34 20.80
C GLY A 455 13.29 3.05 21.07
N ASP A 456 13.01 2.53 22.26
CA ASP A 456 11.66 2.18 22.69
C ASP A 456 11.50 2.49 24.17
N LYS A 457 10.24 2.62 24.60
CA LYS A 457 9.95 2.82 26.02
C LYS A 457 9.72 1.42 26.50
N ILE A 458 10.57 0.94 27.40
CA ILE A 458 10.46 -0.43 27.90
C ILE A 458 10.72 -0.46 29.38
N ASN A 459 9.80 -1.07 30.13
CA ASN A 459 9.93 -1.19 31.59
C ASN A 459 10.10 0.18 32.28
N GLY A 460 9.40 1.18 31.77
CA GLY A 460 9.49 2.51 32.35
C GLY A 460 10.75 3.29 32.05
N ASN A 461 11.53 2.83 31.07
CA ASN A 461 12.78 3.49 30.68
C ASN A 461 12.88 3.56 29.17
N CYS A 462 13.76 4.45 28.69
CA CYS A 462 13.99 4.58 27.25
C CYS A 462 15.25 3.82 26.88
N THR A 463 15.19 3.08 25.78
CA THR A 463 16.35 2.32 25.33
C THR A 463 17.24 3.20 24.44
N GLY A 464 16.66 4.30 23.96
CA GLY A 464 17.40 5.18 23.08
C GLY A 464 17.45 6.60 23.59
N ILE A 465 17.37 7.55 22.66
CA ILE A 465 17.40 8.96 23.02
C ILE A 465 16.23 9.36 23.93
N LYS A 466 16.52 10.30 24.84
CA LYS A 466 15.51 10.83 25.74
C LYS A 466 15.36 12.31 25.49
N ILE A 467 14.12 12.78 25.46
CA ILE A 467 13.83 14.20 25.23
C ILE A 467 13.13 14.77 26.45
N TYR A 468 13.60 15.93 26.91
CA TYR A 468 13.04 16.58 28.09
C TYR A 468 12.22 17.81 27.72
N VAL A 469 10.92 17.71 27.92
CA VAL A 469 10.00 18.81 27.62
C VAL A 469 9.79 19.63 28.89
N SER A 470 10.03 20.94 28.78
CA SER A 470 9.88 21.87 29.91
C SER A 470 8.43 22.20 30.19
N ASP A 471 8.21 23.06 31.18
CA ASP A 471 6.85 23.47 31.55
C ASP A 471 6.19 24.33 30.49
N ASP A 472 6.96 24.88 29.54
CA ASP A 472 6.25 25.73 28.57
C ASP A 472 6.32 25.23 27.15
N GLY A 473 6.28 23.87 27.19
CA GLY A 473 6.28 22.90 26.10
C GLY A 473 7.50 22.71 25.23
N LYS A 474 8.58 23.39 25.60
CA LYS A 474 9.80 23.36 24.83
C LYS A 474 10.70 22.20 25.15
N ALA A 475 11.49 21.77 24.17
CA ALA A 475 12.42 20.67 24.34
C ALA A 475 13.59 20.87 23.40
N HIS A 476 14.79 20.50 23.86
CA HIS A 476 15.98 20.63 23.02
C HIS A 476 16.17 19.39 22.18
N PHE A 477 16.42 19.58 20.89
CA PHE A 477 16.65 18.46 19.97
C PHE A 477 18.00 18.60 19.29
N SER A 478 18.75 17.50 19.26
CA SER A 478 20.06 17.47 18.63
C SER A 478 20.17 16.30 17.69
N ILE A 479 20.28 16.58 16.39
CA ILE A 479 20.37 15.53 15.37
C ILE A 479 21.51 15.83 14.41
N SER A 480 22.52 14.97 14.43
CA SER A 480 23.65 15.10 13.53
C SER A 480 23.22 14.58 12.16
N ASN A 481 23.79 15.14 11.11
CA ASN A 481 23.50 14.71 9.75
C ASN A 481 24.10 13.32 9.50
N SER A 482 24.93 12.86 10.43
CA SER A 482 25.57 11.56 10.34
C SER A 482 24.93 10.53 11.25
N ALA A 483 23.82 10.91 11.88
CA ALA A 483 23.09 10.01 12.78
C ALA A 483 22.51 8.86 11.99
N GLU A 484 22.40 7.70 12.64
CA GLU A 484 21.83 6.50 12.02
C GLU A 484 20.49 6.88 11.37
N ASP A 485 19.62 7.46 12.19
CA ASP A 485 18.32 7.91 11.75
C ASP A 485 18.26 9.39 12.06
N PRO A 486 18.36 10.26 11.03
CA PRO A 486 18.32 11.70 11.20
C PRO A 486 16.97 12.33 11.55
N PHE A 487 16.21 11.67 12.42
CA PHE A 487 14.93 12.17 12.88
C PHE A 487 14.55 11.60 14.23
N ILE A 488 13.80 12.38 15.00
CA ILE A 488 13.35 11.99 16.33
C ILE A 488 11.85 12.17 16.42
N ALA A 489 11.17 11.23 17.09
CA ALA A 489 9.73 11.27 17.26
C ALA A 489 9.35 10.87 18.65
N ILE A 490 8.48 11.66 19.27
CA ILE A 490 8.03 11.38 20.63
C ILE A 490 6.53 11.58 20.68
N HIS A 491 5.86 10.86 21.59
CA HIS A 491 4.42 10.97 21.71
C HIS A 491 3.93 10.66 23.11
N ALA A 492 2.62 10.83 23.32
CA ALA A 492 1.97 10.59 24.61
C ALA A 492 2.25 9.22 25.24
N GLU A 493 2.38 8.20 24.40
CA GLU A 493 2.65 6.85 24.89
C GLU A 493 4.11 6.51 25.11
N SER A 494 5.01 7.41 24.72
CA SER A 494 6.44 7.17 24.93
C SER A 494 6.93 8.01 26.09
N LYS A 495 5.99 8.64 26.79
CA LYS A 495 6.30 9.47 27.95
C LYS A 495 6.58 8.59 29.15
N LEU A 496 7.63 8.91 29.89
CA LEU A 496 8.00 8.15 31.08
C LEU A 496 7.14 8.52 32.27
#